data_7MLT
#
_entry.id   7MLT
#
_cell.length_a   168.618
_cell.length_b   168.618
_cell.length_c   54.949
_cell.angle_alpha   90.000
_cell.angle_beta   90.000
_cell.angle_gamma   120.000
#
_symmetry.space_group_name_H-M   'P 63 2 2'
#
loop_
_entity.id
_entity.type
_entity.pdbx_description
1 polymer Ricin
2 non-polymer 'CHLORIDE ION'
3 non-polymer 1,2-ETHANEDIOL
4 non-polymer '5-(2-ethylphenyl)thiophene-2-carboxylic acid'
5 water water
#
_entity_poly.entity_id   1
_entity_poly.type   'polypeptide(L)'
_entity_poly.pdbx_seq_one_letter_code
;MIFPKQYPIINFTTAGATVQSYTNFIRAVRGRLTTGADVRHEIPVLPNRVGLPINQRFILVELSNHAELSVTLALDVTNA
YVVGYRAGNSAYFFHPDNQEDAEAITHLFTDVQNRYTFAFGGNYDRLEQLAGNLRENIELGNGPLEEAISALYYYSTGGT
QLPTLARSFIICIQMISEAARFQYIEGEMRTRIRYNRRSAPDPSVITLENSWGRLSTAIQESNQGAFASPIQLQRRNGSK
FSVYDVSILIPIIALMVYRCAPPPSSQF
;
_entity_poly.pdbx_strand_id   A
#
# COMPACT_ATOMS: atom_id res chain seq x y z
N LYS A 5 -22.92 -4.96 5.34
CA LYS A 5 -22.82 -6.28 4.63
C LYS A 5 -21.41 -6.47 4.08
N GLN A 6 -20.88 -5.45 3.39
CA GLN A 6 -19.56 -5.52 2.72
C GLN A 6 -18.78 -4.21 2.91
N TYR A 7 -17.46 -4.34 3.01
CA TYR A 7 -16.50 -3.20 3.07
C TYR A 7 -16.53 -2.49 1.72
N PRO A 8 -16.14 -1.20 1.66
CA PRO A 8 -16.10 -0.46 0.40
C PRO A 8 -15.13 -1.10 -0.58
N ILE A 9 -15.49 -1.15 -1.85
CA ILE A 9 -14.64 -1.73 -2.94
C ILE A 9 -14.23 -0.62 -3.91
N ILE A 10 -12.94 -0.54 -4.23
CA ILE A 10 -12.42 0.32 -5.34
C ILE A 10 -11.90 -0.62 -6.42
N ASN A 11 -12.26 -0.38 -7.67
CA ASN A 11 -11.83 -1.18 -8.84
C ASN A 11 -10.74 -0.42 -9.62
N PHE A 12 -9.72 -1.16 -10.07
CA PHE A 12 -8.70 -0.66 -11.02
C PHE A 12 -8.36 -1.80 -11.99
N THR A 13 -8.18 -1.47 -13.25
CA THR A 13 -7.66 -2.43 -14.26
C THR A 13 -6.41 -1.83 -14.91
N THR A 14 -5.42 -2.67 -15.14
CA THR A 14 -4.22 -2.34 -15.95
C THR A 14 -4.62 -2.32 -17.42
N ALA A 15 -5.77 -2.89 -17.79
CA ALA A 15 -6.16 -3.01 -19.22
C ALA A 15 -6.51 -1.62 -19.77
N GLY A 16 -5.65 -1.05 -20.62
CA GLY A 16 -5.83 0.30 -21.17
C GLY A 16 -5.70 1.37 -20.09
N ALA A 17 -4.97 1.08 -19.01
CA ALA A 17 -4.73 2.05 -17.92
C ALA A 17 -4.08 3.30 -18.50
N THR A 18 -4.49 4.46 -17.98
CA THR A 18 -3.93 5.77 -18.33
C THR A 18 -3.49 6.49 -17.07
N VAL A 19 -2.76 7.59 -17.24
CA VAL A 19 -2.43 8.48 -16.11
C VAL A 19 -3.74 8.87 -15.42
N GLN A 20 -4.76 9.21 -16.19
CA GLN A 20 -6.05 9.68 -15.63
C GLN A 20 -6.72 8.55 -14.84
N SER A 21 -6.78 7.33 -15.37
CA SER A 21 -7.50 6.21 -14.71
C SER A 21 -6.76 5.84 -13.42
N TYR A 22 -5.44 5.87 -13.43
CA TYR A 22 -4.62 5.57 -12.22
C TYR A 22 -4.85 6.68 -11.17
N THR A 23 -4.84 7.93 -11.62
CA THR A 23 -5.13 9.10 -10.73
C THR A 23 -6.51 8.96 -10.09
N ASN A 24 -7.55 8.66 -10.87
CA ASN A 24 -8.94 8.44 -10.40
C ASN A 24 -8.95 7.33 -9.33
N PHE A 25 -8.22 6.24 -9.57
CA PHE A 25 -8.09 5.08 -8.67
C PHE A 25 -7.49 5.50 -7.32
N ILE A 26 -6.31 6.13 -7.33
CA ILE A 26 -5.62 6.53 -6.08
C ILE A 26 -6.48 7.56 -5.34
N ARG A 27 -7.16 8.45 -6.07
CA ARG A 27 -8.09 9.43 -5.45
C ARG A 27 -9.18 8.68 -4.69
N ALA A 28 -9.79 7.66 -5.32
CA ALA A 28 -10.89 6.85 -4.75
C ALA A 28 -10.36 6.07 -3.53
N VAL A 29 -9.15 5.52 -3.62
CA VAL A 29 -8.53 4.78 -2.48
C VAL A 29 -8.33 5.72 -1.28
N ARG A 30 -7.75 6.90 -1.50
CA ARG A 30 -7.55 7.89 -0.40
C ARG A 30 -8.92 8.27 0.17
N GLY A 31 -9.94 8.42 -0.69
CA GLY A 31 -11.32 8.75 -0.29
C GLY A 31 -11.86 7.74 0.73
N ARG A 32 -11.74 6.45 0.42
CA ARG A 32 -12.25 5.39 1.32
C ARG A 32 -11.35 5.24 2.55
N LEU A 33 -10.03 5.46 2.46
CA LEU A 33 -9.14 5.37 3.64
C LEU A 33 -9.49 6.46 4.66
N THR A 34 -9.94 7.63 4.19
CA THR A 34 -10.08 8.86 5.02
C THR A 34 -11.53 9.16 5.39
N THR A 35 -12.47 8.23 5.16
CA THR A 35 -13.89 8.37 5.60
C THR A 35 -13.92 8.74 7.09
N GLY A 36 -13.18 8.00 7.91
CA GLY A 36 -13.10 8.24 9.37
C GLY A 36 -11.81 8.93 9.78
N ALA A 37 -11.11 9.60 8.85
CA ALA A 37 -9.80 10.24 9.12
C ALA A 37 -10.01 11.56 9.87
N ASP A 38 -8.98 11.99 10.60
CA ASP A 38 -8.89 13.35 11.20
C ASP A 38 -8.34 14.28 10.13
N VAL A 39 -9.19 15.14 9.56
CA VAL A 39 -8.84 16.09 8.47
C VAL A 39 -8.90 17.54 8.97
N ARG A 40 -8.69 17.76 10.27
CA ARG A 40 -8.69 19.12 10.88
C ARG A 40 -7.40 19.88 10.59
N HIS A 41 -6.27 19.19 10.38
CA HIS A 41 -4.94 19.82 10.28
C HIS A 41 -4.44 19.70 8.84
N GLU A 42 -3.18 20.06 8.58
CA GLU A 42 -2.66 20.27 7.19
C GLU A 42 -2.59 18.93 6.45
N ILE A 43 -2.33 17.83 7.18
CA ILE A 43 -2.20 16.46 6.60
C ILE A 43 -3.19 15.53 7.28
N PRO A 44 -4.02 14.77 6.50
CA PRO A 44 -4.94 13.81 7.08
C PRO A 44 -4.26 12.77 7.98
N VAL A 45 -4.91 12.50 9.12
CA VAL A 45 -4.48 11.43 10.05
C VAL A 45 -5.49 10.29 9.95
N LEU A 46 -5.03 9.10 9.59
CA LEU A 46 -5.91 7.92 9.46
C LEU A 46 -6.49 7.63 10.85
N PRO A 47 -7.64 6.94 10.91
CA PRO A 47 -8.29 6.66 12.19
C PRO A 47 -7.39 5.81 13.11
N ASN A 48 -7.53 6.07 14.40
CA ASN A 48 -6.86 5.31 15.47
C ASN A 48 -7.40 3.88 15.46
N ARG A 49 -6.52 2.88 15.41
CA ARG A 49 -6.91 1.45 15.45
C ARG A 49 -7.58 1.15 16.79
N VAL A 50 -7.19 1.85 17.85
CA VAL A 50 -7.75 1.62 19.23
C VAL A 50 -9.19 2.13 19.24
N GLY A 51 -10.15 1.20 19.33
CA GLY A 51 -11.59 1.50 19.45
C GLY A 51 -12.27 1.69 18.11
N LEU A 52 -11.58 1.49 16.99
CA LEU A 52 -12.22 1.60 15.65
C LEU A 52 -13.15 0.41 15.46
N PRO A 53 -14.45 0.62 15.20
CA PRO A 53 -15.37 -0.50 14.99
C PRO A 53 -14.96 -1.36 13.78
N ILE A 54 -15.17 -2.66 13.90
CA ILE A 54 -14.69 -3.66 12.89
C ILE A 54 -15.29 -3.32 11.52
N ASN A 55 -16.53 -2.81 11.46
CA ASN A 55 -17.22 -2.55 10.17
C ASN A 55 -16.60 -1.32 9.48
N GLN A 56 -15.69 -0.58 10.12
CA GLN A 56 -14.98 0.58 9.52
C GLN A 56 -13.50 0.28 9.28
N ARG A 57 -13.04 -0.97 9.46
CA ARG A 57 -11.59 -1.26 9.64
C ARG A 57 -10.88 -1.46 8.29
N PHE A 58 -11.57 -1.94 7.26
CA PHE A 58 -10.92 -2.36 6.00
C PHE A 58 -11.60 -1.72 4.78
N ILE A 59 -10.80 -1.58 3.73
CA ILE A 59 -11.32 -1.35 2.35
C ILE A 59 -10.76 -2.44 1.44
N LEU A 60 -11.46 -2.67 0.32
CA LEU A 60 -11.10 -3.71 -0.66
C LEU A 60 -10.69 -3.03 -1.96
N VAL A 61 -9.58 -3.45 -2.52
CA VAL A 61 -9.10 -2.95 -3.83
C VAL A 61 -9.14 -4.14 -4.79
N GLU A 62 -10.08 -4.11 -5.73
CA GLU A 62 -10.23 -5.18 -6.74
C GLU A 62 -9.42 -4.78 -7.98
N LEU A 63 -8.43 -5.60 -8.30
CA LEU A 63 -7.48 -5.37 -9.42
C LEU A 63 -7.77 -6.37 -10.52
N SER A 64 -7.76 -5.88 -11.76
N SER A 64 -7.83 -5.90 -11.76
CA SER A 64 -7.99 -6.67 -13.00
CA SER A 64 -7.95 -6.78 -12.95
C SER A 64 -6.91 -6.31 -14.00
C SER A 64 -6.92 -6.34 -14.00
N ASN A 65 -6.69 -7.17 -15.00
CA ASN A 65 -5.67 -6.94 -16.04
C ASN A 65 -6.23 -7.32 -17.40
N HIS A 66 -5.40 -7.21 -18.44
CA HIS A 66 -5.75 -7.55 -19.85
C HIS A 66 -6.25 -9.00 -19.93
N ALA A 67 -5.72 -9.89 -19.08
CA ALA A 67 -6.15 -11.30 -19.01
C ALA A 67 -7.52 -11.43 -18.31
N GLU A 68 -8.06 -10.35 -17.74
CA GLU A 68 -9.36 -10.33 -17.01
C GLU A 68 -9.30 -11.30 -15.82
N LEU A 69 -8.11 -11.50 -15.28
CA LEU A 69 -7.97 -12.12 -13.95
C LEU A 69 -8.19 -11.03 -12.92
N SER A 70 -8.80 -11.37 -11.79
N SER A 70 -8.74 -11.41 -11.78
CA SER A 70 -9.13 -10.41 -10.71
CA SER A 70 -9.18 -10.49 -10.70
C SER A 70 -8.65 -10.97 -9.37
C SER A 70 -8.64 -10.99 -9.36
N VAL A 71 -8.01 -10.10 -8.59
CA VAL A 71 -7.70 -10.36 -7.16
C VAL A 71 -8.23 -9.17 -6.37
N THR A 72 -8.55 -9.38 -5.10
CA THR A 72 -9.02 -8.32 -4.20
C THR A 72 -8.04 -8.23 -3.03
N LEU A 73 -7.35 -7.11 -2.91
CA LEU A 73 -6.47 -6.79 -1.75
C LEU A 73 -7.36 -6.21 -0.64
N ALA A 74 -7.11 -6.60 0.61
CA ALA A 74 -7.68 -5.93 1.79
C ALA A 74 -6.64 -4.95 2.33
N LEU A 75 -7.04 -3.69 2.51
CA LEU A 75 -6.20 -2.64 3.13
C LEU A 75 -6.79 -2.27 4.49
N ASP A 76 -5.90 -2.08 5.46
CA ASP A 76 -6.25 -1.64 6.82
C ASP A 76 -6.35 -0.12 6.76
N VAL A 77 -7.51 0.46 7.07
CA VAL A 77 -7.71 1.94 7.00
C VAL A 77 -6.79 2.65 8.00
N THR A 78 -6.25 1.98 9.02
CA THR A 78 -5.43 2.64 10.08
C THR A 78 -4.02 2.91 9.58
N ASN A 79 -3.53 2.18 8.56
CA ASN A 79 -2.15 2.38 8.06
C ASN A 79 -2.05 2.26 6.53
N ALA A 80 -3.17 2.05 5.83
CA ALA A 80 -3.27 1.99 4.34
C ALA A 80 -2.52 0.78 3.78
N TYR A 81 -2.14 -0.18 4.62
CA TYR A 81 -1.27 -1.29 4.18
C TYR A 81 -2.10 -2.53 3.88
N VAL A 82 -1.59 -3.35 2.99
CA VAL A 82 -2.23 -4.61 2.52
C VAL A 82 -2.10 -5.64 3.66
N VAL A 83 -3.21 -6.21 4.09
CA VAL A 83 -3.18 -7.27 5.16
C VAL A 83 -3.38 -8.66 4.56
N GLY A 84 -3.80 -8.74 3.31
CA GLY A 84 -4.14 -10.02 2.68
C GLY A 84 -4.89 -9.83 1.39
N TYR A 85 -5.32 -10.91 0.76
CA TYR A 85 -6.01 -10.81 -0.55
C TYR A 85 -6.83 -12.06 -0.79
N ARG A 86 -7.78 -11.92 -1.72
CA ARG A 86 -8.61 -13.03 -2.21
C ARG A 86 -8.33 -13.27 -3.69
N ALA A 87 -8.16 -14.54 -4.06
CA ALA A 87 -8.10 -15.01 -5.45
C ALA A 87 -9.08 -16.18 -5.55
N GLY A 88 -10.15 -16.02 -6.33
CA GLY A 88 -11.20 -17.05 -6.44
C GLY A 88 -11.77 -17.40 -5.07
N ASN A 89 -11.71 -18.69 -4.70
CA ASN A 89 -12.36 -19.22 -3.48
C ASN A 89 -11.33 -19.39 -2.35
N SER A 90 -10.23 -18.64 -2.41
CA SER A 90 -9.14 -18.69 -1.39
C SER A 90 -8.75 -17.28 -0.97
N ALA A 91 -8.49 -17.12 0.32
CA ALA A 91 -8.00 -15.87 0.90
C ALA A 91 -6.69 -16.17 1.65
N TYR A 92 -5.76 -15.23 1.55
CA TYR A 92 -4.39 -15.34 2.09
C TYR A 92 -4.10 -14.07 2.88
N PHE A 93 -3.63 -14.24 4.12
CA PHE A 93 -3.33 -13.10 5.02
C PHE A 93 -1.87 -13.16 5.46
N PHE A 94 -1.24 -11.99 5.59
CA PHE A 94 0.06 -11.85 6.29
C PHE A 94 -0.15 -12.23 7.76
N HIS A 95 0.89 -12.78 8.38
CA HIS A 95 0.89 -13.12 9.81
C HIS A 95 0.56 -11.87 10.63
N PRO A 96 -0.56 -11.86 11.39
CA PRO A 96 -0.90 -10.69 12.20
C PRO A 96 0.10 -10.50 13.35
N ASP A 97 0.33 -9.24 13.74
CA ASP A 97 1.36 -8.85 14.75
C ASP A 97 0.82 -9.15 16.15
N ASN A 98 -0.50 -9.25 16.31
CA ASN A 98 -1.13 -9.38 17.65
C ASN A 98 -2.48 -10.07 17.51
N GLN A 99 -3.06 -10.46 18.65
CA GLN A 99 -4.33 -11.22 18.74
C GLN A 99 -5.49 -10.36 18.23
N GLU A 100 -5.49 -9.05 18.51
CA GLU A 100 -6.57 -8.12 18.07
C GLU A 100 -6.61 -8.08 16.54
N ASP A 101 -5.46 -7.97 15.89
CA ASP A 101 -5.36 -7.97 14.40
C ASP A 101 -5.75 -9.35 13.84
N ALA A 102 -5.40 -10.44 14.51
CA ALA A 102 -5.78 -11.81 14.09
C ALA A 102 -7.31 -11.91 14.10
N GLU A 103 -7.97 -11.34 15.10
CA GLU A 103 -9.46 -11.37 15.19
C GLU A 103 -10.04 -10.49 14.08
N ALA A 104 -9.46 -9.32 13.84
CA ALA A 104 -9.98 -8.34 12.85
C ALA A 104 -10.06 -9.00 11.48
N ILE A 105 -9.03 -9.73 11.06
CA ILE A 105 -8.98 -10.28 9.67
C ILE A 105 -9.97 -11.44 9.51
N THR A 106 -10.52 -12.02 10.60
CA THR A 106 -11.58 -13.06 10.48
C THR A 106 -12.84 -12.46 9.86
N HIS A 107 -12.96 -11.12 9.84
CA HIS A 107 -14.12 -10.41 9.24
C HIS A 107 -13.91 -10.14 7.75
N LEU A 108 -12.77 -10.51 7.18
CA LEU A 108 -12.51 -10.31 5.73
C LEU A 108 -12.84 -11.59 4.95
N PHE A 109 -13.46 -11.43 3.77
CA PHE A 109 -13.69 -12.50 2.79
C PHE A 109 -14.39 -13.69 3.48
N THR A 110 -15.45 -13.42 4.25
CA THR A 110 -16.08 -14.42 5.16
C THR A 110 -16.69 -15.57 4.35
N ASP A 111 -16.96 -15.29 3.07
N ASP A 111 -16.95 -15.37 3.05
CA ASP A 111 -17.55 -16.18 2.02
CA ASP A 111 -17.61 -16.37 2.18
C ASP A 111 -16.60 -17.32 1.63
C ASP A 111 -16.60 -17.29 1.46
N VAL A 112 -15.28 -17.08 1.59
CA VAL A 112 -14.30 -17.97 0.88
C VAL A 112 -14.28 -19.35 1.53
N GLN A 113 -14.08 -20.38 0.71
CA GLN A 113 -13.94 -21.79 1.15
C GLN A 113 -12.62 -21.98 1.91
N ASN A 114 -11.54 -21.35 1.44
CA ASN A 114 -10.16 -21.67 1.90
C ASN A 114 -9.52 -20.40 2.46
N ARG A 115 -9.16 -20.40 3.74
CA ARG A 115 -8.48 -19.27 4.40
C ARG A 115 -7.08 -19.74 4.79
N TYR A 116 -6.08 -18.91 4.57
CA TYR A 116 -4.66 -19.24 4.87
C TYR A 116 -4.00 -18.04 5.48
N THR A 117 -3.27 -18.25 6.58
CA THR A 117 -2.38 -17.21 7.14
C THR A 117 -0.94 -17.62 6.85
N PHE A 118 -0.23 -16.76 6.11
CA PHE A 118 1.22 -16.91 5.85
C PHE A 118 1.95 -16.90 7.19
N ALA A 119 3.05 -17.66 7.27
CA ALA A 119 3.96 -17.67 8.44
C ALA A 119 4.64 -16.30 8.58
N PHE A 120 4.76 -15.55 7.48
CA PHE A 120 5.55 -14.30 7.39
C PHE A 120 4.62 -13.08 7.37
N GLY A 121 5.16 -11.95 7.84
CA GLY A 121 4.52 -10.62 7.80
C GLY A 121 4.72 -9.98 6.44
N GLY A 122 4.06 -8.85 6.21
CA GLY A 122 4.04 -8.16 4.90
C GLY A 122 4.98 -6.98 4.84
N ASN A 123 5.92 -6.88 5.77
CA ASN A 123 6.94 -5.78 5.81
C ASN A 123 7.95 -6.00 4.67
N TYR A 124 8.50 -4.92 4.13
CA TYR A 124 9.43 -4.98 2.97
C TYR A 124 10.64 -5.87 3.27
N ASP A 125 11.22 -5.76 4.48
CA ASP A 125 12.46 -6.51 4.82
C ASP A 125 12.20 -8.00 4.57
N ARG A 126 11.04 -8.50 5.03
CA ARG A 126 10.68 -9.94 4.88
C ARG A 126 10.30 -10.25 3.44
N LEU A 127 9.49 -9.42 2.77
CA LEU A 127 9.07 -9.70 1.38
C LEU A 127 10.29 -9.71 0.46
N GLU A 128 11.24 -8.81 0.65
CA GLU A 128 12.49 -8.77 -0.18
C GLU A 128 13.27 -10.08 0.02
N GLN A 129 13.31 -10.59 1.25
CA GLN A 129 13.99 -11.88 1.54
C GLN A 129 13.30 -13.01 0.75
N LEU A 130 11.97 -13.06 0.79
CA LEU A 130 11.21 -14.14 0.12
C LEU A 130 11.35 -14.00 -1.40
N ALA A 131 11.31 -12.77 -1.92
CA ALA A 131 11.41 -12.48 -3.38
C ALA A 131 12.84 -12.76 -3.87
N GLY A 132 13.82 -12.67 -2.98
CA GLY A 132 15.25 -12.71 -3.34
C GLY A 132 15.67 -11.47 -4.11
N ASN A 133 14.95 -10.35 -3.95
CA ASN A 133 15.26 -9.08 -4.67
C ASN A 133 14.89 -7.92 -3.75
N LEU A 134 15.75 -6.91 -3.71
CA LEU A 134 15.47 -5.64 -2.99
C LEU A 134 14.53 -4.80 -3.84
N ARG A 135 13.80 -3.88 -3.22
CA ARG A 135 12.95 -2.92 -3.96
C ARG A 135 13.75 -2.21 -5.06
N GLU A 136 15.03 -1.91 -4.83
CA GLU A 136 15.84 -1.15 -5.80
C GLU A 136 16.02 -1.94 -7.10
N ASN A 137 15.71 -3.24 -7.15
CA ASN A 137 15.88 -4.08 -8.36
C ASN A 137 14.54 -4.69 -8.79
N ILE A 138 13.41 -4.17 -8.30
CA ILE A 138 12.07 -4.68 -8.71
C ILE A 138 11.37 -3.56 -9.48
N GLU A 139 11.14 -3.76 -10.78
CA GLU A 139 10.54 -2.72 -11.65
C GLU A 139 9.08 -2.51 -11.24
N LEU A 140 8.65 -1.25 -11.27
CA LEU A 140 7.25 -0.81 -11.08
C LEU A 140 6.74 -0.19 -12.37
N GLY A 141 5.42 -0.16 -12.52
CA GLY A 141 4.74 0.35 -13.72
C GLY A 141 3.53 -0.50 -14.03
N ASN A 142 2.86 -0.20 -15.13
CA ASN A 142 1.61 -0.90 -15.52
C ASN A 142 1.94 -2.35 -15.87
N GLY A 143 3.08 -2.60 -16.50
CA GLY A 143 3.51 -3.95 -16.91
C GLY A 143 3.75 -4.84 -15.70
N PRO A 144 4.65 -4.43 -14.76
CA PRO A 144 4.82 -5.12 -13.48
C PRO A 144 3.50 -5.36 -12.73
N LEU A 145 2.61 -4.37 -12.69
CA LEU A 145 1.33 -4.54 -11.95
C LEU A 145 0.47 -5.59 -12.65
N GLU A 146 0.37 -5.55 -13.99
CA GLU A 146 -0.38 -6.56 -14.80
C GLU A 146 0.15 -7.96 -14.46
N GLU A 147 1.47 -8.10 -14.42
CA GLU A 147 2.14 -9.40 -14.13
C GLU A 147 1.89 -9.80 -12.67
N ALA A 148 1.91 -8.84 -11.74
CA ALA A 148 1.68 -9.09 -10.30
C ALA A 148 0.26 -9.61 -10.09
N ILE A 149 -0.71 -9.03 -10.80
CA ILE A 149 -2.13 -9.43 -10.67
C ILE A 149 -2.28 -10.91 -11.10
N SER A 150 -1.72 -11.28 -12.25
CA SER A 150 -1.76 -12.70 -12.73
C SER A 150 -1.06 -13.60 -11.71
N ALA A 151 0.09 -13.20 -11.18
CA ALA A 151 0.87 -14.03 -10.24
C ALA A 151 0.07 -14.26 -8.95
N LEU A 152 -0.56 -13.21 -8.42
CA LEU A 152 -1.38 -13.32 -7.19
C LEU A 152 -2.55 -14.27 -7.48
N TYR A 153 -3.16 -14.17 -8.65
CA TYR A 153 -4.33 -15.02 -8.98
C TYR A 153 -3.87 -16.49 -9.02
N TYR A 154 -2.81 -16.76 -9.75
CA TYR A 154 -2.35 -18.15 -10.01
C TYR A 154 -1.66 -18.75 -8.79
N TYR A 155 -1.42 -17.99 -7.71
CA TYR A 155 -1.04 -18.59 -6.41
C TYR A 155 -2.13 -19.55 -5.95
N SER A 156 -3.41 -19.23 -6.18
CA SER A 156 -4.59 -20.02 -5.74
C SER A 156 -4.71 -21.34 -6.51
N THR A 157 -4.03 -21.49 -7.64
CA THR A 157 -4.10 -22.69 -8.51
C THR A 157 -2.81 -23.51 -8.42
N GLY A 158 -1.80 -23.04 -7.68
CA GLY A 158 -0.47 -23.71 -7.60
C GLY A 158 0.46 -23.32 -8.73
N GLY A 159 0.11 -22.31 -9.54
CA GLY A 159 0.90 -21.88 -10.70
C GLY A 159 1.97 -20.84 -10.35
N THR A 160 1.94 -20.27 -9.15
CA THR A 160 2.88 -19.19 -8.74
C THR A 160 3.70 -19.67 -7.55
N GLN A 161 5.03 -19.57 -7.62
CA GLN A 161 5.91 -19.92 -6.48
C GLN A 161 6.04 -18.70 -5.55
N LEU A 162 6.35 -18.96 -4.28
CA LEU A 162 6.37 -17.92 -3.21
C LEU A 162 7.27 -16.73 -3.58
N PRO A 163 8.50 -16.90 -4.14
CA PRO A 163 9.32 -15.73 -4.45
C PRO A 163 8.64 -14.75 -5.41
N THR A 164 7.98 -15.27 -6.44
CA THR A 164 7.18 -14.46 -7.40
C THR A 164 5.99 -13.84 -6.67
N LEU A 165 5.33 -14.58 -5.77
CA LEU A 165 4.21 -14.01 -4.98
C LEU A 165 4.74 -12.81 -4.17
N ALA A 166 5.89 -12.97 -3.49
CA ALA A 166 6.45 -11.89 -2.64
C ALA A 166 6.78 -10.68 -3.52
N ARG A 167 7.40 -10.91 -4.67
CA ARG A 167 7.76 -9.82 -5.61
C ARG A 167 6.50 -9.09 -6.04
N SER A 168 5.42 -9.83 -6.31
CA SER A 168 4.11 -9.29 -6.70
C SER A 168 3.51 -8.44 -5.58
N PHE A 169 3.63 -8.88 -4.32
CA PHE A 169 3.18 -8.05 -3.17
C PHE A 169 3.97 -6.75 -3.14
N ILE A 170 5.29 -6.80 -3.35
CA ILE A 170 6.16 -5.59 -3.29
C ILE A 170 5.69 -4.58 -4.35
N ILE A 171 5.32 -5.06 -5.53
CA ILE A 171 4.81 -4.21 -6.65
C ILE A 171 3.46 -3.59 -6.23
N CYS A 172 2.48 -4.42 -5.82
CA CYS A 172 1.12 -3.95 -5.45
C CYS A 172 1.17 -2.97 -4.29
N ILE A 173 1.94 -3.29 -3.24
CA ILE A 173 2.03 -2.43 -2.04
C ILE A 173 2.57 -1.05 -2.45
N GLN A 174 3.60 -0.99 -3.28
CA GLN A 174 4.20 0.31 -3.66
C GLN A 174 3.24 1.10 -4.55
N MET A 175 2.57 0.44 -5.50
CA MET A 175 1.76 1.15 -6.52
C MET A 175 0.37 1.51 -5.95
N ILE A 176 -0.02 0.96 -4.79
CA ILE A 176 -1.37 1.21 -4.21
C ILE A 176 -1.20 1.85 -2.83
N SER A 177 -0.66 1.11 -1.86
CA SER A 177 -0.49 1.61 -0.46
C SER A 177 0.43 2.83 -0.42
N GLU A 178 1.63 2.75 -1.00
CA GLU A 178 2.62 3.83 -0.89
C GLU A 178 2.17 5.02 -1.75
N ALA A 179 1.49 4.76 -2.87
CA ALA A 179 0.93 5.82 -3.75
C ALA A 179 -0.19 6.55 -3.00
N ALA A 180 -1.04 5.84 -2.26
CA ALA A 180 -2.09 6.44 -1.42
C ALA A 180 -1.45 7.31 -0.33
N ARG A 181 -0.37 6.83 0.30
CA ARG A 181 0.28 7.52 1.44
C ARG A 181 1.02 8.77 0.99
N PHE A 182 1.56 8.79 -0.22
CA PHE A 182 2.51 9.82 -0.69
C PHE A 182 2.16 10.30 -2.09
N GLN A 183 1.80 11.59 -2.21
CA GLN A 183 1.61 12.22 -3.56
C GLN A 183 2.88 12.04 -4.39
N TYR A 184 4.06 12.10 -3.77
CA TYR A 184 5.35 11.97 -4.47
C TYR A 184 5.40 10.62 -5.20
N ILE A 185 4.96 9.56 -4.53
CA ILE A 185 5.04 8.18 -5.09
C ILE A 185 3.92 7.99 -6.10
N GLU A 186 2.71 8.52 -5.86
CA GLU A 186 1.65 8.55 -6.90
C GLU A 186 2.20 9.17 -8.19
N GLY A 187 2.92 10.29 -8.08
CA GLY A 187 3.47 11.01 -9.24
C GLY A 187 4.52 10.19 -9.98
N GLU A 188 5.36 9.49 -9.23
CA GLU A 188 6.36 8.53 -9.78
C GLU A 188 5.65 7.47 -10.62
N MET A 189 4.49 7.00 -10.19
CA MET A 189 3.72 5.96 -10.93
C MET A 189 3.02 6.61 -12.14
N ARG A 190 2.48 7.83 -11.98
CA ARG A 190 1.91 8.57 -13.14
C ARG A 190 2.96 8.65 -14.26
N THR A 191 4.22 8.98 -13.93
CA THR A 191 5.30 9.17 -14.93
C THR A 191 5.54 7.83 -15.66
N ARG A 192 5.66 6.74 -14.90
CA ARG A 192 5.89 5.39 -15.48
C ARG A 192 4.74 5.02 -16.41
N ILE A 193 3.49 5.26 -16.00
CA ILE A 193 2.30 4.92 -16.82
C ILE A 193 2.34 5.77 -18.10
N ARG A 194 2.63 7.06 -17.99
CA ARG A 194 2.61 7.95 -19.17
C ARG A 194 3.54 7.43 -20.27
N TYR A 195 4.75 7.01 -19.91
CA TYR A 195 5.83 6.67 -20.87
C TYR A 195 5.88 5.17 -21.13
N ASN A 196 4.88 4.41 -20.68
CA ASN A 196 4.84 2.93 -20.83
C ASN A 196 6.17 2.37 -20.33
N ARG A 197 6.61 2.84 -19.16
CA ARG A 197 7.95 2.58 -18.62
C ARG A 197 7.80 1.58 -17.46
N ARG A 198 8.72 0.64 -17.34
CA ARG A 198 8.89 -0.16 -16.12
C ARG A 198 10.27 0.15 -15.57
N SER A 199 10.35 0.57 -14.30
CA SER A 199 11.64 0.94 -13.66
C SER A 199 11.51 0.80 -12.15
N ALA A 200 12.59 0.40 -11.51
CA ALA A 200 12.68 0.26 -10.05
C ALA A 200 12.60 1.64 -9.43
N PRO A 201 12.13 1.75 -8.17
CA PRO A 201 12.09 3.01 -7.46
C PRO A 201 13.51 3.48 -7.10
N ASP A 202 13.78 4.78 -7.23
CA ASP A 202 15.11 5.34 -6.88
C ASP A 202 15.17 5.56 -5.37
N PRO A 203 16.34 5.92 -4.81
CA PRO A 203 16.51 6.10 -3.37
C PRO A 203 15.55 7.11 -2.70
N SER A 204 15.09 8.13 -3.44
CA SER A 204 14.12 9.13 -2.91
C SER A 204 12.81 8.43 -2.58
N VAL A 205 12.38 7.51 -3.43
CA VAL A 205 11.11 6.75 -3.24
C VAL A 205 11.31 5.76 -2.09
N ILE A 206 12.38 4.98 -2.12
CA ILE A 206 12.60 3.90 -1.11
C ILE A 206 12.73 4.54 0.29
N THR A 207 13.50 5.62 0.43
CA THR A 207 13.73 6.30 1.73
C THR A 207 12.40 6.88 2.24
N LEU A 208 11.59 7.44 1.35
CA LEU A 208 10.25 7.96 1.73
C LEU A 208 9.39 6.83 2.28
N GLU A 209 9.30 5.70 1.58
CA GLU A 209 8.54 4.52 2.07
C GLU A 209 9.04 4.13 3.47
N ASN A 210 10.36 4.03 3.62
CA ASN A 210 11.01 3.60 4.88
C ASN A 210 10.70 4.59 6.01
N SER A 211 10.42 5.84 5.65
CA SER A 211 10.31 6.96 6.63
C SER A 211 8.87 7.24 7.03
N TRP A 212 7.87 6.52 6.51
CA TRP A 212 6.44 6.89 6.68
C TRP A 212 6.07 6.98 8.17
N GLY A 213 6.38 5.94 8.95
CA GLY A 213 6.12 5.92 10.40
C GLY A 213 6.85 7.03 11.12
N ARG A 214 8.15 7.21 10.86
CA ARG A 214 8.99 8.26 11.48
C ARG A 214 8.44 9.65 11.14
N LEU A 215 8.01 9.88 9.89
CA LEU A 215 7.44 11.18 9.47
C LEU A 215 6.10 11.41 10.17
N SER A 216 5.24 10.40 10.27
CA SER A 216 3.92 10.49 10.93
C SER A 216 4.13 10.91 12.40
N THR A 217 5.13 10.32 13.05
CA THR A 217 5.51 10.62 14.46
C THR A 217 5.99 12.07 14.57
N ALA A 218 7.00 12.46 13.78
CA ALA A 218 7.67 13.78 13.86
C ALA A 218 6.64 14.89 13.63
N ILE A 219 5.75 14.72 12.64
CA ILE A 219 4.71 15.72 12.26
C ILE A 219 3.71 15.86 13.41
N GLN A 220 3.21 14.76 13.95
CA GLN A 220 2.12 14.79 14.97
C GLN A 220 2.68 15.21 16.34
N GLU A 221 3.98 15.03 16.60
CA GLU A 221 4.66 15.44 17.86
C GLU A 221 5.31 16.81 17.70
N SER A 222 5.05 17.51 16.61
CA SER A 222 5.76 18.77 16.26
C SER A 222 5.24 19.92 17.12
N ASN A 223 6.09 20.90 17.37
CA ASN A 223 5.76 22.18 18.06
C ASN A 223 5.37 23.19 16.97
N GLN A 224 4.07 23.32 16.74
CA GLN A 224 3.48 24.22 15.72
C GLN A 224 4.14 23.97 14.36
N GLY A 225 4.25 22.69 13.98
CA GLY A 225 4.88 22.24 12.73
C GLY A 225 6.36 22.58 12.70
N ALA A 226 7.08 22.25 13.79
CA ALA A 226 8.56 22.24 13.88
C ALA A 226 8.99 21.00 14.67
N PHE A 227 9.94 20.21 14.14
CA PHE A 227 10.30 18.87 14.69
C PHE A 227 11.25 19.03 15.88
N ALA A 228 11.15 18.09 16.82
CA ALA A 228 12.04 17.95 18.00
C ALA A 228 13.48 17.71 17.52
N SER A 229 13.67 16.74 16.63
CA SER A 229 14.94 16.50 15.88
C SER A 229 14.62 16.32 14.40
N PRO A 230 15.50 16.75 13.47
CA PRO A 230 15.21 16.67 12.05
C PRO A 230 15.18 15.22 11.54
N ILE A 231 14.49 14.99 10.41
CA ILE A 231 14.40 13.67 9.72
C ILE A 231 15.24 13.74 8.43
N GLN A 232 16.01 12.68 8.18
CA GLN A 232 16.88 12.54 6.99
C GLN A 232 16.05 11.89 5.88
N LEU A 233 15.97 12.50 4.70
CA LEU A 233 15.42 11.87 3.47
C LEU A 233 16.53 11.84 2.42
N GLN A 234 16.25 11.22 1.27
CA GLN A 234 17.23 11.08 0.18
C GLN A 234 16.70 11.74 -1.08
N ARG A 235 17.61 12.36 -1.83
CA ARG A 235 17.40 12.82 -3.22
C ARG A 235 17.46 11.61 -4.18
N ARG A 236 17.15 11.84 -5.45
CA ARG A 236 17.19 10.79 -6.51
C ARG A 236 18.59 10.17 -6.59
N ASN A 237 19.65 10.96 -6.36
CA ASN A 237 21.05 10.51 -6.52
C ASN A 237 21.56 9.85 -5.23
N GLY A 238 20.70 9.75 -4.20
CA GLY A 238 21.01 9.07 -2.94
C GLY A 238 21.59 10.01 -1.89
N SER A 239 21.90 11.26 -2.26
CA SER A 239 22.45 12.29 -1.33
C SER A 239 21.41 12.57 -0.24
N LYS A 240 21.85 12.68 1.02
CA LYS A 240 20.97 12.85 2.20
C LYS A 240 20.76 14.35 2.45
N PHE A 241 19.58 14.72 2.95
CA PHE A 241 19.24 16.10 3.38
C PHE A 241 18.28 16.02 4.56
N SER A 242 18.28 17.05 5.40
CA SER A 242 17.50 17.12 6.67
C SER A 242 16.19 17.86 6.42
N VAL A 243 15.12 17.37 7.04
CA VAL A 243 13.81 18.06 7.14
C VAL A 243 13.59 18.40 8.61
N TYR A 244 13.38 19.69 8.90
CA TYR A 244 13.35 20.25 10.28
C TYR A 244 11.91 20.43 10.73
N ASP A 245 10.95 20.39 9.79
CA ASP A 245 9.53 20.75 10.04
C ASP A 245 8.61 20.28 8.91
N VAL A 246 7.30 20.36 9.15
CA VAL A 246 6.20 19.75 8.35
C VAL A 246 6.06 20.46 7.00
N SER A 247 6.64 21.65 6.90
CA SER A 247 6.27 22.67 5.89
C SER A 247 6.42 22.09 4.48
N ILE A 248 7.63 21.63 4.18
CA ILE A 248 8.06 21.04 2.88
C ILE A 248 7.31 19.71 2.63
N LEU A 249 6.64 19.11 3.61
CA LEU A 249 6.09 17.72 3.53
C LEU A 249 4.61 17.73 3.16
N ILE A 250 3.91 18.85 3.30
CA ILE A 250 2.43 18.85 3.07
C ILE A 250 2.13 18.40 1.63
N PRO A 251 2.90 18.80 0.59
CA PRO A 251 2.63 18.30 -0.76
C PRO A 251 3.04 16.83 -1.01
N ILE A 252 3.81 16.22 -0.11
CA ILE A 252 4.58 14.94 -0.31
C ILE A 252 3.87 13.76 0.38
N ILE A 253 3.38 13.99 1.60
CA ILE A 253 2.67 12.94 2.41
C ILE A 253 1.17 13.26 2.46
N ALA A 254 0.34 12.31 2.02
CA ALA A 254 -1.11 12.49 1.82
C ALA A 254 -1.90 12.00 3.05
N LEU A 255 -1.33 11.08 3.82
CA LEU A 255 -2.02 10.31 4.89
C LEU A 255 -0.99 9.97 5.94
N MET A 256 -1.36 9.94 7.22
CA MET A 256 -0.39 9.58 8.28
C MET A 256 -1.05 8.58 9.21
N VAL A 257 -0.27 7.65 9.75
CA VAL A 257 -0.74 6.73 10.83
C VAL A 257 -0.92 7.58 12.10
N TYR A 258 -2.03 7.37 12.80
CA TYR A 258 -2.32 8.06 14.09
C TYR A 258 -1.13 7.90 15.03
N ARG A 259 -0.66 9.01 15.60
CA ARG A 259 0.42 9.05 16.62
C ARG A 259 -0.02 9.94 17.79
N CYS A 260 0.04 9.40 19.01
CA CYS A 260 0.02 10.07 20.34
C CYS A 260 -0.49 9.11 21.41
#